data_5DEX
#
_entry.id   5DEX
#
_cell.length_a   54.629
_cell.length_b   87.302
_cell.length_c   122.572
_cell.angle_alpha   90.00
_cell.angle_beta   90.00
_cell.angle_gamma   90.00
#
_symmetry.space_group_name_H-M   'P 21 21 21'
#
loop_
_entity.id
_entity.type
_entity.pdbx_description
1 polymer 'Glutamate receptor ionotropic, NMDA 1'
2 polymer 'Glutamate receptor ionotropic, NMDA 2A'
3 non-polymer GLYCINE
4 non-polymer '5-[(2R)-2-amino-2-carboxyethyl]-1-phenyl-1H-pyrazole-3-carboxylic acid'
5 water water
#
loop_
_entity_poly.entity_id
_entity_poly.type
_entity_poly.pdbx_seq_one_letter_code
_entity_poly.pdbx_strand_id
1 'polypeptide(L)'
;GMSTRLKIVTIHQEPFVYVKPTMSDGTCKEEFTVNGDPVKKVICTGPNDTSPGSPRHTVPQCCYGFCIDLLIKLARTMNF
TYEVHLVADGKFGTQERVNNSNKKEWNGMMGELLSGQADMIVAPLTINNERAQYIEFSKPFKYQGLTILVKKGTRITGIN
DPRLRNPSDKFIYATVKQSSVDIYFRRQVELSTMYRHMEKHNYESAAEAIQAVRDNKLHAFIWDSAVLEFEASQKCDLVT
TGELFFRSGFGIGMRKDSPWKQNVSLSILKSHENGFMEDLDKTWVRYQECDS
;
A
2 'polypeptide(L)'
;SDDNHLSIVTLEEAPFVIVEDIDPLTETCVRNTVPCRKFVKINNSTNEGMNVKKCCKGFCIDILKKLSRTVKFTYDLYLV
TNGKHGKKVNNVWNGMIGEVVYQRAVMAVGSLTINEERSEVVDFSVPFVETGISVMVSRGTQVTGLSDKKFQRPHDYSPP
FRFGTVPNGSTERNIRNNYPYMHQYMTRFNQRGVEDALVSLKTGKLDAFIYDAAVLNYKAGRDEGCKLVTIGSGYIFATT
GYGIALQKGSPWKRQIDLALLQFVGDGEMEELETLWLTGICHN
;
B
#
loop_
_chem_comp.id
_chem_comp.type
_chem_comp.name
_chem_comp.formula
5E0 non-polymer '5-[(2R)-2-amino-2-carboxyethyl]-1-phenyl-1H-pyrazole-3-carboxylic acid' 'C13 H13 N3 O4'
#
# COMPACT_ATOMS: atom_id res chain seq x y z
N ARG A 5 3.93 -15.75 -25.10
CA ARG A 5 2.50 -15.49 -24.92
C ARG A 5 1.95 -15.88 -23.53
N LEU A 6 1.84 -14.89 -22.65
CA LEU A 6 1.48 -15.16 -21.26
C LEU A 6 0.02 -15.57 -21.13
N LYS A 7 -0.24 -16.56 -20.32
CA LYS A 7 -1.60 -16.97 -20.00
C LYS A 7 -2.00 -16.27 -18.71
N ILE A 8 -2.86 -15.27 -18.83
CA ILE A 8 -3.31 -14.51 -17.68
C ILE A 8 -4.67 -15.04 -17.25
N VAL A 9 -4.77 -15.35 -15.97
CA VAL A 9 -6.02 -15.71 -15.31
C VAL A 9 -6.50 -14.49 -14.54
N THR A 10 -7.77 -14.51 -14.16
CA THR A 10 -8.40 -13.41 -13.44
C THR A 10 -9.78 -13.89 -12.99
N ILE A 11 -10.59 -12.98 -12.45
CA ILE A 11 -11.80 -13.37 -11.75
C ILE A 11 -12.78 -12.22 -11.80
N HIS A 12 -14.06 -12.53 -11.93
CA HIS A 12 -15.05 -11.47 -11.94
C HIS A 12 -15.00 -10.78 -10.58
N GLN A 13 -14.81 -9.46 -10.60
CA GLN A 13 -14.76 -8.69 -9.37
C GLN A 13 -14.87 -7.20 -9.73
N GLU A 14 -16.11 -6.70 -9.80
CA GLU A 14 -16.32 -5.27 -10.01
C GLU A 14 -15.79 -4.53 -8.79
N PRO A 15 -15.18 -3.37 -9.00
CA PRO A 15 -15.04 -2.72 -10.29
C PRO A 15 -13.74 -3.02 -11.00
N PHE A 16 -13.09 -4.15 -10.69
CA PHE A 16 -11.79 -4.41 -11.28
C PHE A 16 -11.89 -5.22 -12.57
N VAL A 17 -12.87 -6.09 -12.67
CA VAL A 17 -13.07 -6.90 -13.86
C VAL A 17 -14.57 -7.01 -14.04
N TYR A 18 -15.10 -6.28 -15.00
CA TYR A 18 -16.43 -6.57 -15.47
C TYR A 18 -16.29 -7.69 -16.48
N VAL A 19 -17.24 -8.62 -16.48
CA VAL A 19 -17.28 -9.72 -17.45
C VAL A 19 -18.62 -9.63 -18.15
N LYS A 20 -18.61 -9.37 -19.46
CA LYS A 20 -19.82 -9.04 -20.19
C LYS A 20 -19.91 -9.84 -21.48
N PRO A 21 -21.13 -10.29 -21.84
CA PRO A 21 -21.31 -11.08 -23.06
C PRO A 21 -20.67 -10.52 -24.31
N THR A 22 -20.50 -11.36 -25.31
CA THR A 22 -19.92 -10.97 -26.59
C THR A 22 -21.01 -10.47 -27.52
N MET A 23 -20.63 -9.65 -28.49
CA MET A 23 -21.62 -9.37 -29.51
C MET A 23 -21.75 -10.59 -30.43
N SER A 24 -22.63 -10.47 -31.42
CA SER A 24 -22.91 -11.58 -32.34
C SER A 24 -21.64 -12.03 -33.05
N ASP A 25 -20.96 -11.11 -33.71
CA ASP A 25 -19.82 -11.48 -34.53
C ASP A 25 -18.57 -11.68 -33.69
N GLY A 26 -18.76 -12.03 -32.42
CA GLY A 26 -17.64 -12.30 -31.55
C GLY A 26 -16.83 -11.10 -31.14
N THR A 27 -17.26 -9.88 -31.45
CA THR A 27 -16.57 -8.68 -31.02
C THR A 27 -17.17 -8.15 -29.71
N CYS A 28 -16.44 -7.20 -29.12
CA CYS A 28 -16.85 -6.52 -27.89
C CYS A 28 -17.44 -5.17 -28.25
N LYS A 29 -18.45 -4.75 -27.49
CA LYS A 29 -19.16 -3.52 -27.79
C LYS A 29 -18.30 -2.31 -27.49
N GLU A 30 -17.99 -1.50 -28.52
CA GLU A 30 -17.13 -0.34 -28.32
C GLU A 30 -17.76 0.65 -27.35
N GLU A 31 -16.94 1.20 -26.45
CA GLU A 31 -17.47 2.02 -25.38
C GLU A 31 -16.46 3.06 -24.95
N PHE A 32 -16.99 4.21 -24.54
CA PHE A 32 -16.22 5.32 -24.01
C PHE A 32 -16.71 5.64 -22.61
N THR A 33 -15.92 6.41 -21.88
CA THR A 33 -16.33 6.87 -20.57
C THR A 33 -17.12 8.16 -20.71
N VAL A 34 -17.81 8.56 -19.63
CA VAL A 34 -18.48 9.85 -19.73
C VAL A 34 -17.49 11.00 -19.77
N ASN A 35 -16.20 10.74 -19.52
CA ASN A 35 -15.12 11.70 -19.73
C ASN A 35 -14.56 11.66 -21.14
N GLY A 36 -15.16 10.89 -22.04
CA GLY A 36 -14.63 10.76 -23.38
C GLY A 36 -13.35 9.97 -23.51
N ASP A 37 -13.17 8.93 -22.72
CA ASP A 37 -11.97 8.14 -22.93
C ASP A 37 -12.34 6.71 -23.29
N PRO A 38 -11.60 6.08 -24.18
CA PRO A 38 -12.07 4.80 -24.72
C PRO A 38 -12.04 3.75 -23.64
N VAL A 39 -13.03 2.87 -23.65
CA VAL A 39 -13.07 1.75 -22.71
C VAL A 39 -12.44 0.54 -23.38
N LYS A 40 -11.18 0.25 -23.05
CA LYS A 40 -10.49 -0.91 -23.59
C LYS A 40 -11.16 -2.19 -23.10
N LYS A 41 -11.35 -3.16 -24.02
CA LYS A 41 -11.96 -4.44 -23.70
C LYS A 41 -11.13 -5.55 -24.31
N VAL A 42 -10.88 -6.61 -23.54
CA VAL A 42 -10.19 -7.78 -24.05
C VAL A 42 -11.07 -9.01 -23.90
N ILE A 43 -10.89 -9.94 -24.82
CA ILE A 43 -11.67 -11.17 -24.85
C ILE A 43 -11.11 -12.10 -23.80
N CYS A 44 -11.98 -12.66 -22.96
CA CYS A 44 -11.58 -13.55 -21.88
C CYS A 44 -12.47 -14.76 -21.89
N THR A 45 -11.88 -15.96 -21.91
CA THR A 45 -12.68 -17.17 -21.96
C THR A 45 -13.00 -17.65 -20.55
N GLY A 46 -14.16 -18.25 -20.38
CA GLY A 46 -14.50 -18.80 -19.09
C GLY A 46 -15.84 -19.52 -19.02
N PRO A 47 -16.12 -20.12 -17.85
CA PRO A 47 -17.34 -20.85 -17.50
C PRO A 47 -18.61 -20.22 -18.06
N THR A 58 -17.71 -22.84 -21.37
CA THR A 58 -16.45 -22.22 -21.74
C THR A 58 -16.61 -21.32 -22.96
N VAL A 59 -17.35 -20.23 -22.80
CA VAL A 59 -17.58 -19.26 -23.87
C VAL A 59 -16.57 -18.14 -23.72
N PRO A 60 -16.08 -17.56 -24.82
CA PRO A 60 -15.31 -16.32 -24.68
C PRO A 60 -16.26 -15.19 -24.35
N GLN A 61 -15.80 -14.28 -23.49
CA GLN A 61 -16.57 -13.11 -23.09
C GLN A 61 -15.74 -11.85 -23.21
N CYS A 62 -16.29 -10.74 -22.76
CA CYS A 62 -15.61 -9.44 -22.83
C CYS A 62 -15.22 -8.99 -21.42
N CYS A 63 -13.96 -8.59 -21.28
CA CYS A 63 -13.40 -8.26 -19.98
C CYS A 63 -12.88 -6.84 -20.02
N TYR A 64 -13.16 -6.10 -18.96
CA TYR A 64 -12.68 -4.74 -18.82
C TYR A 64 -12.72 -4.34 -17.35
N GLY A 65 -12.15 -3.19 -17.07
CA GLY A 65 -12.10 -2.65 -15.74
C GLY A 65 -10.69 -2.32 -15.40
N PHE A 66 -10.52 -2.02 -14.12
CA PHE A 66 -9.28 -1.48 -13.56
C PHE A 66 -8.07 -2.37 -13.88
N CYS A 67 -8.09 -3.62 -13.39
CA CYS A 67 -7.06 -4.59 -13.76
C CYS A 67 -6.85 -4.66 -15.26
N ILE A 68 -7.93 -4.68 -16.04
CA ILE A 68 -7.77 -4.89 -17.48
C ILE A 68 -6.92 -3.78 -18.09
N ASP A 69 -7.27 -2.52 -17.84
CA ASP A 69 -6.37 -1.45 -18.29
C ASP A 69 -4.96 -1.68 -17.78
N LEU A 70 -4.84 -2.15 -16.54
CA LEU A 70 -3.53 -2.36 -15.96
C LEU A 70 -2.77 -3.47 -16.68
N LEU A 71 -3.48 -4.53 -17.09
CA LEU A 71 -2.87 -5.59 -17.87
C LEU A 71 -2.40 -5.08 -19.23
N ILE A 72 -3.16 -4.17 -19.82
CA ILE A 72 -2.77 -3.54 -21.08
C ILE A 72 -1.54 -2.64 -20.93
N LYS A 73 -1.44 -1.91 -19.83
CA LYS A 73 -0.24 -1.11 -19.63
C LYS A 73 0.99 -1.99 -19.45
N LEU A 74 0.84 -3.05 -18.66
CA LEU A 74 1.92 -3.99 -18.48
C LEU A 74 2.26 -4.70 -19.78
N ALA A 75 1.25 -5.09 -20.55
CA ALA A 75 1.53 -5.78 -21.79
C ALA A 75 2.32 -4.89 -22.73
N ARG A 76 1.98 -3.60 -22.76
CA ARG A 76 2.67 -2.65 -23.61
C ARG A 76 4.03 -2.26 -23.05
N THR A 77 4.09 -1.96 -21.75
CA THR A 77 5.32 -1.54 -21.12
C THR A 77 6.41 -2.60 -21.29
N MET A 78 6.07 -3.85 -21.06
CA MET A 78 7.06 -4.88 -21.12
C MET A 78 6.99 -5.66 -22.41
N ASN A 79 6.06 -5.30 -23.29
CA ASN A 79 5.98 -5.88 -24.61
C ASN A 79 5.81 -7.39 -24.55
N PHE A 80 4.62 -7.86 -24.20
CA PHE A 80 4.28 -9.25 -24.41
C PHE A 80 2.87 -9.32 -24.97
N THR A 81 2.51 -10.50 -25.45
CA THR A 81 1.15 -10.77 -25.82
C THR A 81 0.53 -11.67 -24.76
N TYR A 82 -0.80 -11.87 -24.82
CA TYR A 82 -1.44 -12.61 -23.75
C TYR A 82 -2.78 -13.17 -24.21
N GLU A 83 -3.24 -14.19 -23.49
CA GLU A 83 -4.63 -14.66 -23.52
C GLU A 83 -5.17 -14.61 -22.10
N VAL A 84 -6.37 -14.10 -21.93
CA VAL A 84 -7.00 -14.00 -20.61
C VAL A 84 -8.06 -15.08 -20.47
N HIS A 85 -8.17 -15.64 -19.27
CA HIS A 85 -9.30 -16.51 -18.96
C HIS A 85 -9.71 -16.31 -17.52
N LEU A 86 -10.96 -16.63 -17.25
CA LEU A 86 -11.48 -16.58 -15.89
C LEU A 86 -11.14 -17.87 -15.17
N VAL A 87 -10.84 -17.77 -13.89
CA VAL A 87 -10.45 -18.92 -13.10
C VAL A 87 -11.52 -19.99 -13.13
N ALA A 88 -11.12 -21.23 -13.39
CA ALA A 88 -11.99 -22.41 -13.40
C ALA A 88 -13.02 -22.40 -12.27
N ASP A 89 -12.56 -22.51 -11.02
CA ASP A 89 -13.50 -22.61 -9.89
C ASP A 89 -14.05 -21.28 -9.41
N GLY A 90 -13.70 -20.15 -10.04
CA GLY A 90 -14.20 -18.87 -9.60
C GLY A 90 -13.75 -18.45 -8.21
N LYS A 91 -12.64 -18.96 -7.73
CA LYS A 91 -12.14 -18.65 -6.40
C LYS A 91 -10.81 -17.91 -6.50
N PHE A 92 -10.47 -17.22 -5.41
CA PHE A 92 -9.18 -16.53 -5.32
C PHE A 92 -8.05 -17.48 -4.94
N GLY A 93 -8.30 -18.31 -3.94
CA GLY A 93 -7.36 -19.36 -3.66
C GLY A 93 -6.93 -19.44 -2.22
N THR A 94 -7.15 -20.59 -1.60
CA THR A 94 -6.60 -20.96 -0.30
C THR A 94 -5.97 -22.32 -0.41
N GLN A 95 -5.25 -22.71 0.63
CA GLN A 95 -4.52 -23.96 0.62
C GLN A 95 -5.32 -25.01 1.37
N GLU A 96 -5.55 -26.16 0.73
CA GLU A 96 -6.38 -27.21 1.30
C GLU A 96 -5.60 -28.52 1.36
N ARG A 97 -6.01 -29.40 2.26
CA ARG A 97 -5.37 -30.69 2.35
C ARG A 97 -5.98 -31.65 1.33
N VAL A 98 -5.20 -32.66 0.96
CA VAL A 98 -5.72 -33.73 0.13
C VAL A 98 -6.02 -34.96 0.98
N ASN A 102 -0.18 -35.94 4.36
CA ASN A 102 -0.85 -35.84 3.08
C ASN A 102 -0.44 -34.53 2.43
N LYS A 103 -0.52 -34.48 1.10
CA LYS A 103 -0.10 -33.28 0.37
C LYS A 103 -1.13 -32.18 0.58
N LYS A 104 -0.74 -30.99 0.16
CA LYS A 104 -1.63 -29.84 0.20
C LYS A 104 -1.71 -29.27 -1.19
N GLU A 105 -2.79 -28.57 -1.50
CA GLU A 105 -2.87 -27.90 -2.79
C GLU A 105 -3.68 -26.62 -2.65
N TRP A 106 -3.53 -25.73 -3.62
CA TRP A 106 -4.27 -24.48 -3.65
C TRP A 106 -5.43 -24.54 -4.65
N ASN A 107 -6.52 -23.88 -4.29
CA ASN A 107 -7.66 -23.75 -5.17
C ASN A 107 -7.60 -22.40 -5.90
N GLY A 108 -8.63 -22.13 -6.71
CA GLY A 108 -8.73 -20.81 -7.33
C GLY A 108 -7.49 -20.36 -8.11
N MET A 109 -7.47 -19.05 -8.37
CA MET A 109 -6.36 -18.46 -9.12
C MET A 109 -4.99 -18.94 -8.63
N MET A 110 -4.84 -19.19 -7.34
CA MET A 110 -3.52 -19.59 -6.84
C MET A 110 -3.12 -20.95 -7.36
N GLY A 111 -4.01 -21.94 -7.24
CA GLY A 111 -3.70 -23.27 -7.74
C GLY A 111 -3.40 -23.27 -9.22
N GLU A 112 -4.12 -22.45 -9.99
CA GLU A 112 -3.87 -22.38 -11.42
C GLU A 112 -2.53 -21.74 -11.73
N LEU A 113 -2.11 -20.76 -10.92
CA LEU A 113 -0.82 -20.13 -11.15
C LEU A 113 0.32 -21.11 -10.95
N LEU A 114 0.24 -21.94 -9.91
CA LEU A 114 1.28 -22.91 -9.59
C LEU A 114 1.15 -24.20 -10.38
N SER A 115 0.04 -24.43 -11.07
CA SER A 115 -0.09 -25.60 -11.92
C SER A 115 0.38 -25.32 -13.33
N GLY A 116 0.51 -24.06 -13.67
CA GLY A 116 0.91 -23.68 -14.98
C GLY A 116 -0.23 -23.31 -15.87
N GLN A 117 -1.46 -23.44 -15.39
CA GLN A 117 -2.59 -23.00 -16.18
C GLN A 117 -2.61 -21.48 -16.40
N ALA A 118 -1.92 -20.70 -15.56
CA ALA A 118 -1.76 -19.26 -15.70
C ALA A 118 -0.30 -18.88 -15.55
N ASP A 119 0.16 -17.94 -16.34
CA ASP A 119 1.52 -17.45 -16.19
C ASP A 119 1.62 -16.21 -15.30
N MET A 120 0.49 -15.70 -14.84
CA MET A 120 0.42 -14.44 -14.13
C MET A 120 -1.03 -14.16 -13.73
N ILE A 121 -1.25 -13.74 -12.49
CA ILE A 121 -2.58 -13.41 -12.01
C ILE A 121 -2.76 -11.91 -12.07
N VAL A 122 -3.79 -11.45 -12.74
CA VAL A 122 -4.07 -10.03 -12.78
C VAL A 122 -5.46 -9.85 -12.20
N ALA A 123 -5.52 -9.34 -10.98
CA ALA A 123 -6.78 -9.37 -10.27
C ALA A 123 -6.60 -8.69 -8.93
N PRO A 124 -7.63 -8.40 -8.22
CA PRO A 124 -7.47 -7.94 -6.84
C PRO A 124 -6.98 -9.05 -5.93
N LEU A 125 -5.78 -9.54 -6.19
CA LEU A 125 -5.21 -10.60 -5.39
C LEU A 125 -4.57 -10.00 -4.13
N THR A 126 -5.08 -10.36 -2.97
CA THR A 126 -4.54 -9.81 -1.74
C THR A 126 -3.22 -10.46 -1.37
N ILE A 127 -2.27 -9.64 -0.96
CA ILE A 127 -0.92 -10.08 -0.64
C ILE A 127 -0.88 -10.53 0.80
N ASN A 128 -0.49 -11.77 1.04
CA ASN A 128 -0.39 -12.21 2.42
C ASN A 128 0.80 -13.14 2.52
N ASN A 129 1.26 -13.35 3.74
CA ASN A 129 2.38 -14.25 3.99
C ASN A 129 2.10 -15.65 3.45
N GLU A 130 0.88 -16.13 3.63
CA GLU A 130 0.50 -17.44 3.13
C GLU A 130 0.86 -17.58 1.66
N ARG A 131 0.16 -16.85 0.80
CA ARG A 131 0.40 -16.92 -0.64
C ARG A 131 1.87 -16.65 -0.97
N ALA A 132 2.47 -15.65 -0.34
CA ALA A 132 3.79 -15.17 -0.74
C ALA A 132 4.88 -16.21 -0.49
N GLN A 133 4.58 -17.22 0.29
CA GLN A 133 5.49 -18.32 0.51
C GLN A 133 5.75 -19.13 -0.73
N TYR A 134 4.75 -19.23 -1.61
CA TYR A 134 4.79 -20.10 -2.77
C TYR A 134 4.83 -19.37 -4.10
N ILE A 135 4.44 -18.10 -4.15
CA ILE A 135 4.43 -17.30 -5.37
C ILE A 135 5.12 -15.99 -5.07
N GLU A 136 5.49 -15.26 -6.14
CA GLU A 136 6.00 -13.89 -6.05
C GLU A 136 4.89 -12.89 -6.33
N PHE A 137 4.90 -11.81 -5.56
CA PHE A 137 4.00 -10.71 -5.76
C PHE A 137 4.75 -9.50 -6.28
N SER A 138 4.11 -8.73 -7.16
CA SER A 138 4.62 -7.42 -7.42
C SER A 138 4.40 -6.55 -6.18
N LYS A 139 5.11 -5.43 -6.16
CA LYS A 139 4.77 -4.34 -5.30
C LYS A 139 3.30 -3.99 -5.49
N PRO A 140 2.61 -3.57 -4.44
CA PRO A 140 1.15 -3.46 -4.53
C PRO A 140 0.73 -2.46 -5.59
N PHE A 141 -0.28 -2.82 -6.38
CA PHE A 141 -0.81 -1.82 -7.29
C PHE A 141 -2.01 -1.07 -6.73
N LYS A 142 -2.61 -1.54 -5.67
CA LYS A 142 -3.72 -0.88 -5.00
C LYS A 142 -3.58 -1.09 -3.52
N TYR A 143 -3.82 -0.02 -2.76
CA TYR A 143 -3.76 -0.06 -1.31
C TYR A 143 -5.17 0.02 -0.77
N GLN A 144 -5.55 -0.92 0.07
CA GLN A 144 -6.95 -0.94 0.53
C GLN A 144 -7.00 -1.66 1.87
N GLY A 145 -8.18 -2.14 2.25
CA GLY A 145 -8.33 -2.87 3.48
C GLY A 145 -9.61 -3.67 3.49
N LEU A 146 -10.03 -4.09 4.68
CA LEU A 146 -11.29 -4.81 4.87
C LEU A 146 -12.28 -3.96 5.63
N THR A 147 -13.54 -4.08 5.23
CA THR A 147 -14.63 -3.32 5.82
C THR A 147 -15.86 -4.20 5.77
N ILE A 148 -16.98 -3.65 6.21
CA ILE A 148 -18.20 -4.42 6.37
C ILE A 148 -19.32 -3.74 5.60
N LEU A 149 -20.08 -4.51 4.86
CA LEU A 149 -21.12 -3.99 3.99
C LEU A 149 -22.46 -4.48 4.52
N VAL A 150 -23.35 -3.54 4.78
CA VAL A 150 -24.63 -3.82 5.40
C VAL A 150 -25.72 -3.14 4.60
N LYS A 151 -26.93 -3.69 4.66
CA LYS A 151 -28.06 -3.07 3.97
C LYS A 151 -28.53 -1.87 4.77
N LYS A 152 -28.65 -0.74 4.11
CA LYS A 152 -28.96 0.50 4.81
C LYS A 152 -30.29 0.36 5.54
N GLY A 153 -30.28 0.73 6.82
CA GLY A 153 -31.35 0.35 7.72
C GLY A 153 -30.76 -0.46 8.85
N THR A 154 -29.94 -1.45 8.49
CA THR A 154 -29.15 -2.18 9.46
C THR A 154 -27.99 -1.32 9.92
N ARG A 155 -27.81 -1.23 11.23
CA ARG A 155 -26.86 -0.29 11.80
C ARG A 155 -26.04 -0.99 12.88
N ILE A 156 -24.84 -1.43 12.52
CA ILE A 156 -23.88 -2.01 13.45
C ILE A 156 -22.70 -1.05 13.59
N THR A 157 -22.00 -1.13 14.72
CA THR A 157 -20.94 -0.17 15.00
C THR A 157 -19.64 -0.51 14.31
N GLY A 158 -19.56 -1.68 13.68
CA GLY A 158 -18.34 -2.04 13.02
C GLY A 158 -17.86 -3.41 13.44
N ILE A 159 -16.53 -3.59 13.48
CA ILE A 159 -15.99 -4.93 13.65
C ILE A 159 -16.26 -5.47 15.06
N ASN A 160 -16.33 -4.61 16.08
CA ASN A 160 -16.54 -5.04 17.46
C ASN A 160 -17.99 -4.86 17.93
N ASP A 161 -18.94 -4.81 17.02
CA ASP A 161 -20.34 -4.69 17.40
C ASP A 161 -20.79 -5.97 18.13
N PRO A 162 -21.55 -5.84 19.23
CA PRO A 162 -22.04 -7.03 19.93
C PRO A 162 -22.55 -8.13 19.03
N ARG A 163 -23.51 -7.82 18.18
CA ARG A 163 -24.20 -8.78 17.37
C ARG A 163 -23.25 -9.50 16.32
N LEU A 164 -21.96 -9.17 16.42
CA LEU A 164 -20.89 -9.63 15.54
C LEU A 164 -19.80 -10.38 16.30
N ARG A 165 -19.33 -9.82 17.42
CA ARG A 165 -18.41 -10.54 18.32
C ARG A 165 -19.10 -11.72 18.97
N ASN A 166 -20.40 -11.60 19.23
CA ASN A 166 -21.24 -12.68 19.69
C ASN A 166 -21.97 -13.26 18.48
N PRO A 167 -21.73 -14.52 18.11
CA PRO A 167 -22.44 -15.11 16.98
C PRO A 167 -23.70 -15.89 17.37
N SER A 168 -24.66 -15.87 16.45
CA SER A 168 -26.01 -16.37 16.64
C SER A 168 -26.77 -16.23 15.35
N ASP A 169 -27.56 -17.23 14.98
CA ASP A 169 -28.20 -17.22 13.69
C ASP A 169 -29.34 -16.21 13.58
N LYS A 170 -29.48 -15.26 14.50
CA LYS A 170 -30.45 -14.19 14.28
C LYS A 170 -29.89 -13.05 13.46
N PHE A 171 -28.56 -12.98 13.34
CA PHE A 171 -27.90 -11.95 12.54
C PHE A 171 -26.68 -12.59 11.88
N ILE A 172 -26.83 -12.93 10.60
CA ILE A 172 -25.91 -13.74 9.84
C ILE A 172 -24.94 -12.84 9.07
N TYR A 173 -23.65 -13.09 9.23
CA TYR A 173 -22.61 -12.37 8.51
C TYR A 173 -21.56 -13.36 8.03
N ALA A 174 -21.00 -13.11 6.83
CA ALA A 174 -20.09 -14.04 6.18
C ALA A 174 -19.08 -13.28 5.34
N THR A 175 -18.12 -14.03 4.76
CA THR A 175 -17.26 -13.49 3.72
C THR A 175 -17.33 -14.41 2.49
N VAL A 176 -16.26 -14.50 1.71
CA VAL A 176 -16.25 -15.26 0.48
C VAL A 176 -15.41 -16.50 0.66
N LYS A 177 -15.95 -17.61 0.18
CA LYS A 177 -15.30 -18.89 0.32
C LYS A 177 -13.93 -18.85 -0.33
N GLN A 178 -12.95 -19.41 0.34
CA GLN A 178 -11.60 -19.59 -0.21
C GLN A 178 -11.01 -18.25 -0.71
N SER A 179 -10.86 -17.31 0.21
CA SER A 179 -10.31 -16.01 -0.13
C SER A 179 -9.34 -15.61 0.95
N SER A 180 -8.67 -14.46 0.75
CA SER A 180 -7.78 -13.93 1.77
C SER A 180 -8.49 -13.57 3.06
N VAL A 181 -9.78 -13.28 3.00
CA VAL A 181 -10.53 -12.93 4.19
C VAL A 181 -10.85 -14.17 4.99
N ASP A 182 -11.18 -15.26 4.31
CA ASP A 182 -11.35 -16.54 4.98
C ASP A 182 -10.05 -17.01 5.63
N ILE A 183 -8.93 -16.88 4.92
CA ILE A 183 -7.63 -17.13 5.52
C ILE A 183 -7.45 -16.27 6.75
N TYR A 184 -7.69 -14.97 6.61
CA TYR A 184 -7.43 -14.04 7.69
C TYR A 184 -8.22 -14.39 8.94
N PHE A 185 -9.48 -14.79 8.78
CA PHE A 185 -10.29 -15.12 9.93
C PHE A 185 -10.01 -16.50 10.48
N ARG A 186 -9.25 -17.32 9.76
CA ARG A 186 -8.95 -18.68 10.15
C ARG A 186 -7.57 -18.83 10.75
N ARG A 187 -6.64 -17.93 10.42
CA ARG A 187 -5.27 -18.03 10.91
C ARG A 187 -5.12 -17.60 12.37
N GLN A 188 -6.10 -16.90 12.91
CA GLN A 188 -5.95 -16.13 14.13
C GLN A 188 -6.85 -16.73 15.20
N VAL A 189 -6.24 -17.25 16.27
CA VAL A 189 -7.02 -17.95 17.28
C VAL A 189 -8.08 -17.05 17.93
N GLU A 190 -7.84 -15.74 17.97
CA GLU A 190 -8.84 -14.87 18.60
C GLU A 190 -10.05 -14.60 17.73
N LEU A 191 -9.98 -14.84 16.43
CA LEU A 191 -11.11 -14.70 15.54
C LEU A 191 -11.94 -15.97 15.42
N SER A 192 -11.67 -16.97 16.26
CA SER A 192 -12.26 -18.30 16.14
C SER A 192 -13.79 -18.28 16.18
N THR A 193 -14.38 -17.48 17.05
CA THR A 193 -15.83 -17.51 17.19
C THR A 193 -16.50 -16.95 15.93
N MET A 194 -16.14 -15.73 15.54
CA MET A 194 -16.56 -15.17 14.26
C MET A 194 -16.32 -16.14 13.12
N TYR A 195 -15.14 -16.73 13.05
CA TYR A 195 -14.88 -17.65 11.95
C TYR A 195 -15.79 -18.88 12.01
N ARG A 196 -16.06 -19.40 13.22
CA ARG A 196 -16.97 -20.53 13.36
C ARG A 196 -18.36 -20.17 12.89
N HIS A 197 -18.82 -18.96 13.19
CA HIS A 197 -20.07 -18.49 12.63
C HIS A 197 -19.97 -18.41 11.10
N MET A 198 -18.88 -17.86 10.59
CA MET A 198 -18.85 -17.51 9.17
C MET A 198 -18.80 -18.74 8.28
N GLU A 199 -17.91 -19.69 8.56
CA GLU A 199 -17.74 -20.82 7.64
C GLU A 199 -19.02 -21.58 7.44
N LYS A 200 -20.03 -21.34 8.25
CA LYS A 200 -21.34 -21.91 8.02
C LYS A 200 -22.16 -21.07 7.05
N HIS A 201 -21.61 -19.95 6.59
CA HIS A 201 -22.39 -18.98 5.84
C HIS A 201 -21.69 -18.38 4.64
N ASN A 202 -20.39 -18.65 4.43
CA ASN A 202 -19.66 -17.96 3.39
C ASN A 202 -20.24 -18.24 2.01
N TYR A 203 -20.03 -17.31 1.10
CA TYR A 203 -20.58 -17.36 -0.24
C TYR A 203 -19.49 -17.69 -1.25
N GLU A 204 -19.92 -18.22 -2.39
CA GLU A 204 -18.92 -18.60 -3.37
C GLU A 204 -18.36 -17.41 -4.12
N SER A 205 -19.01 -16.26 -4.05
CA SER A 205 -18.59 -15.10 -4.84
C SER A 205 -19.15 -13.84 -4.22
N ALA A 206 -18.43 -12.73 -4.42
CA ALA A 206 -18.83 -11.46 -3.85
C ALA A 206 -20.13 -10.92 -4.45
N ALA A 207 -20.37 -11.17 -5.73
CA ALA A 207 -21.64 -10.76 -6.32
C ALA A 207 -22.79 -11.50 -5.65
N GLU A 208 -22.64 -12.78 -5.41
CA GLU A 208 -23.67 -13.48 -4.67
C GLU A 208 -23.81 -12.89 -3.28
N ALA A 209 -22.70 -12.81 -2.54
CA ALA A 209 -22.75 -12.30 -1.17
C ALA A 209 -23.37 -10.92 -1.12
N ILE A 210 -23.00 -10.06 -2.06
CA ILE A 210 -23.56 -8.71 -2.11
C ILE A 210 -25.04 -8.76 -2.45
N GLN A 211 -25.41 -9.52 -3.47
CA GLN A 211 -26.82 -9.65 -3.81
C GLN A 211 -27.64 -10.22 -2.66
N ALA A 212 -27.02 -10.90 -1.70
CA ALA A 212 -27.76 -11.37 -0.55
C ALA A 212 -28.13 -10.23 0.39
N VAL A 213 -27.18 -9.33 0.63
CA VAL A 213 -27.42 -8.21 1.53
C VAL A 213 -28.55 -7.34 1.02
N ARG A 214 -28.72 -7.26 -0.30
CA ARG A 214 -29.89 -6.62 -0.88
C ARG A 214 -31.15 -7.47 -0.76
N ASP A 215 -31.02 -8.80 -0.64
CA ASP A 215 -32.16 -9.67 -0.41
C ASP A 215 -32.36 -10.01 1.07
N ASN A 216 -31.75 -9.25 1.98
CA ASN A 216 -31.91 -9.45 3.42
C ASN A 216 -31.45 -10.81 3.92
N LYS A 217 -31.16 -11.74 3.01
CA LYS A 217 -30.68 -13.06 3.41
C LYS A 217 -29.33 -12.99 4.15
N LEU A 218 -28.47 -12.05 3.79
CA LEU A 218 -27.21 -11.81 4.48
C LEU A 218 -27.25 -10.40 5.06
N HIS A 219 -26.62 -10.24 6.21
CA HIS A 219 -26.69 -9.00 6.98
C HIS A 219 -25.41 -8.18 7.01
N ALA A 220 -24.26 -8.82 7.13
CA ALA A 220 -22.98 -8.15 7.09
C ALA A 220 -22.04 -8.92 6.19
N PHE A 221 -21.44 -8.23 5.23
CA PHE A 221 -20.43 -8.79 4.36
C PHE A 221 -19.07 -8.24 4.78
N ILE A 222 -18.13 -9.12 5.05
CA ILE A 222 -16.76 -8.72 5.36
C ILE A 222 -15.96 -8.91 4.07
N TRP A 223 -15.60 -7.82 3.41
CA TRP A 223 -14.94 -7.97 2.13
C TRP A 223 -13.96 -6.81 1.93
N ASP A 224 -13.33 -6.78 0.75
CA ASP A 224 -12.33 -5.77 0.41
C ASP A 224 -12.97 -4.39 0.24
N SER A 225 -12.45 -3.42 0.98
CA SER A 225 -13.04 -2.09 0.92
C SER A 225 -12.96 -1.48 -0.47
N ALA A 226 -11.92 -1.78 -1.24
CA ALA A 226 -11.91 -1.26 -2.61
C ALA A 226 -13.12 -1.71 -3.36
N VAL A 227 -13.71 -2.83 -3.01
CA VAL A 227 -14.90 -3.32 -3.68
C VAL A 227 -16.18 -2.91 -2.95
N LEU A 228 -16.18 -3.02 -1.62
CA LEU A 228 -17.38 -2.71 -0.87
C LEU A 228 -17.69 -1.22 -0.92
N GLU A 229 -16.68 -0.36 -0.75
CA GLU A 229 -16.91 1.09 -0.88
C GLU A 229 -17.48 1.46 -2.24
N PHE A 230 -17.01 0.81 -3.31
CA PHE A 230 -17.57 1.03 -4.64
C PHE A 230 -19.00 0.53 -4.74
N GLU A 231 -19.37 -0.50 -4.01
CA GLU A 231 -20.74 -0.97 -4.17
C GLU A 231 -21.71 -0.03 -3.45
N ALA A 232 -21.26 0.63 -2.38
CA ALA A 232 -22.13 1.59 -1.71
C ALA A 232 -22.41 2.79 -2.59
N SER A 233 -21.43 3.23 -3.36
CA SER A 233 -21.58 4.44 -4.15
C SER A 233 -22.40 4.21 -5.41
N GLN A 234 -22.68 2.96 -5.76
CA GLN A 234 -23.53 2.66 -6.89
C GLN A 234 -24.86 2.10 -6.42
N LYS A 235 -24.85 1.01 -5.67
CA LYS A 235 -26.08 0.44 -5.13
C LYS A 235 -26.37 1.15 -3.81
N CYS A 236 -27.20 2.18 -3.87
CA CYS A 236 -27.39 3.04 -2.72
C CYS A 236 -28.28 2.44 -1.65
N ASP A 237 -28.85 1.27 -1.89
CA ASP A 237 -29.53 0.56 -0.82
C ASP A 237 -28.55 -0.02 0.19
N LEU A 238 -27.27 -0.06 -0.13
CA LEU A 238 -26.24 -0.62 0.71
C LEU A 238 -25.38 0.50 1.28
N VAL A 239 -24.54 0.13 2.24
CA VAL A 239 -23.52 1.04 2.76
C VAL A 239 -22.53 0.23 3.57
N THR A 240 -21.35 0.77 3.76
CA THR A 240 -20.37 0.09 4.58
C THR A 240 -20.29 0.74 5.93
N THR A 241 -19.32 0.31 6.74
CA THR A 241 -19.08 0.90 8.04
C THR A 241 -18.22 2.15 7.93
N GLY A 242 -17.20 2.11 7.07
CA GLY A 242 -16.24 3.20 6.98
C GLY A 242 -14.95 2.91 7.70
N GLU A 243 -15.06 2.35 8.91
CA GLU A 243 -13.90 1.88 9.66
C GLU A 243 -13.20 0.76 8.90
N LEU A 244 -11.89 0.92 8.71
CA LEU A 244 -11.05 -0.14 8.14
C LEU A 244 -10.35 -0.87 9.27
N PHE A 245 -10.82 -2.06 9.60
CA PHE A 245 -10.22 -2.83 10.68
C PHE A 245 -8.98 -3.58 10.25
N PHE A 246 -8.67 -3.62 8.98
CA PHE A 246 -7.43 -4.25 8.57
C PHE A 246 -7.11 -3.69 7.21
N ARG A 247 -5.83 -3.67 6.88
CA ARG A 247 -5.38 -3.01 5.67
C ARG A 247 -4.56 -4.00 4.88
N SER A 248 -4.71 -3.97 3.56
CA SER A 248 -4.02 -4.97 2.74
C SER A 248 -3.82 -4.44 1.32
N GLY A 249 -3.03 -5.15 0.54
CA GLY A 249 -2.68 -4.69 -0.79
C GLY A 249 -2.90 -5.76 -1.86
N PHE A 250 -3.19 -5.29 -3.07
CA PHE A 250 -3.39 -6.17 -4.21
C PHE A 250 -2.09 -6.19 -5.00
N GLY A 251 -1.62 -7.36 -5.33
CA GLY A 251 -0.45 -7.47 -6.13
C GLY A 251 -0.72 -8.34 -7.33
N ILE A 252 0.13 -8.21 -8.35
CA ILE A 252 0.22 -9.18 -9.44
C ILE A 252 0.96 -10.40 -8.91
N GLY A 253 0.45 -11.56 -9.24
CA GLY A 253 1.07 -12.81 -8.83
C GLY A 253 1.75 -13.47 -10.01
N MET A 254 2.91 -14.06 -9.74
CA MET A 254 3.73 -14.73 -10.73
C MET A 254 4.39 -15.91 -10.06
N ARG A 255 4.83 -16.87 -10.86
CA ARG A 255 5.53 -17.99 -10.27
C ARG A 255 6.89 -17.54 -9.73
N LYS A 256 7.38 -18.28 -8.75
CA LYS A 256 8.72 -18.09 -8.20
C LYS A 256 9.77 -17.98 -9.31
N ASP A 257 10.51 -16.87 -9.30
CA ASP A 257 11.53 -16.53 -10.31
C ASP A 257 10.98 -16.40 -11.73
N SER A 258 9.83 -15.73 -11.90
CA SER A 258 9.54 -15.58 -13.32
C SER A 258 10.40 -14.47 -13.88
N PRO A 259 10.79 -14.56 -15.14
CA PRO A 259 11.56 -13.47 -15.76
C PRO A 259 10.96 -12.10 -15.48
N TRP A 260 9.66 -12.06 -15.25
CA TRP A 260 8.89 -10.84 -15.29
C TRP A 260 8.85 -10.07 -13.99
N LYS A 261 9.05 -10.75 -12.85
CA LYS A 261 8.68 -10.19 -11.55
C LYS A 261 9.20 -8.79 -11.35
N GLN A 262 10.47 -8.54 -11.72
CA GLN A 262 11.08 -7.27 -11.36
C GLN A 262 10.62 -6.19 -12.29
N ASN A 263 10.60 -6.46 -13.59
CA ASN A 263 10.07 -5.45 -14.49
C ASN A 263 8.59 -5.21 -14.25
N VAL A 264 7.82 -6.24 -13.88
CA VAL A 264 6.41 -6.00 -13.55
C VAL A 264 6.29 -4.98 -12.42
N SER A 265 6.99 -5.19 -11.31
CA SER A 265 6.75 -4.28 -10.21
C SER A 265 7.41 -2.92 -10.47
N LEU A 266 8.54 -2.89 -11.19
CA LEU A 266 9.05 -1.62 -11.67
C LEU A 266 7.98 -0.85 -12.41
N SER A 267 7.16 -1.57 -13.18
CA SER A 267 6.13 -0.92 -13.96
C SER A 267 4.98 -0.47 -13.07
N ILE A 268 4.77 -1.13 -11.94
CA ILE A 268 3.75 -0.69 -11.00
C ILE A 268 4.20 0.58 -10.27
N LEU A 269 5.47 0.64 -9.85
CA LEU A 269 5.94 1.87 -9.20
C LEU A 269 5.82 3.04 -10.15
N LYS A 270 6.34 2.88 -11.36
CA LYS A 270 6.26 3.92 -12.38
C LYS A 270 4.85 4.47 -12.53
N SER A 271 3.85 3.59 -12.57
CA SER A 271 2.48 3.96 -12.87
C SER A 271 1.82 4.65 -11.68
N HIS A 272 2.30 4.34 -10.48
CA HIS A 272 1.91 5.12 -9.31
C HIS A 272 2.42 6.56 -9.40
N GLU A 273 3.72 6.72 -9.63
CA GLU A 273 4.28 8.06 -9.66
C GLU A 273 3.82 8.85 -10.89
N ASN A 274 3.51 8.16 -12.00
CA ASN A 274 3.03 8.77 -13.23
C ASN A 274 1.65 9.35 -13.10
N GLY A 275 0.92 8.98 -12.06
CA GLY A 275 -0.50 9.26 -12.00
C GLY A 275 -1.34 8.32 -12.81
N PHE A 276 -0.74 7.29 -13.42
CA PHE A 276 -1.52 6.34 -14.19
C PHE A 276 -2.52 5.62 -13.29
N MET A 277 -2.07 5.10 -12.15
CA MET A 277 -3.00 4.51 -11.21
C MET A 277 -4.08 5.49 -10.81
N GLU A 278 -3.70 6.76 -10.63
CA GLU A 278 -4.69 7.79 -10.29
C GLU A 278 -5.81 7.83 -11.33
N ASP A 279 -5.44 7.86 -12.60
CA ASP A 279 -6.44 7.91 -13.66
C ASP A 279 -7.29 6.64 -13.68
N LEU A 280 -6.73 5.49 -13.30
CA LEU A 280 -7.56 4.30 -13.14
C LEU A 280 -8.57 4.47 -12.01
N ASP A 281 -8.17 5.13 -10.91
CA ASP A 281 -9.10 5.33 -9.82
C ASP A 281 -10.24 6.24 -10.23
N LYS A 282 -9.95 7.28 -11.02
CA LYS A 282 -11.00 8.17 -11.49
C LYS A 282 -11.89 7.50 -12.53
N THR A 283 -11.37 6.47 -13.19
CA THR A 283 -12.13 5.74 -14.19
C THR A 283 -12.99 4.65 -13.57
N TRP A 284 -12.44 3.88 -12.64
CA TRP A 284 -13.10 2.68 -12.13
C TRP A 284 -13.52 2.75 -10.68
N VAL A 285 -12.68 3.25 -9.76
CA VAL A 285 -12.95 3.12 -8.33
C VAL A 285 -13.72 4.31 -7.78
N ARG A 286 -13.15 5.50 -7.87
CA ARG A 286 -13.84 6.71 -7.37
C ARG A 286 -15.13 7.03 -8.13
N ASP B 3 27.33 -15.20 6.39
CA ASP B 3 27.39 -14.53 7.67
C ASP B 3 26.06 -13.93 8.04
N ASN B 4 25.75 -13.82 9.33
CA ASN B 4 24.47 -13.27 9.76
C ASN B 4 24.64 -12.11 10.73
N HIS B 5 25.78 -11.44 10.70
CA HIS B 5 25.97 -10.15 11.36
C HIS B 5 25.96 -9.06 10.31
N LEU B 6 25.13 -8.03 10.50
CA LEU B 6 24.75 -7.16 9.41
C LEU B 6 24.95 -5.69 9.73
N SER B 7 25.56 -4.97 8.80
CA SER B 7 25.69 -3.52 8.87
C SER B 7 24.41 -2.88 8.38
N ILE B 8 23.72 -2.14 9.23
CA ILE B 8 22.45 -1.55 8.88
C ILE B 8 22.55 -0.03 9.05
N VAL B 9 22.11 0.73 8.04
CA VAL B 9 22.08 2.19 8.10
C VAL B 9 20.65 2.63 8.36
N THR B 10 20.50 3.73 9.10
CA THR B 10 19.20 4.34 9.35
C THR B 10 19.35 5.85 9.28
N LEU B 11 18.33 6.56 9.71
CA LEU B 11 18.29 8.01 9.51
C LEU B 11 17.22 8.57 10.41
N GLU B 12 17.59 9.54 11.24
CA GLU B 12 16.66 10.09 12.20
C GLU B 12 15.49 10.77 11.53
N GLU B 13 14.29 10.46 11.99
CA GLU B 13 13.07 11.09 11.56
C GLU B 13 11.95 10.59 12.46
N ALA B 14 11.70 11.27 13.57
CA ALA B 14 10.63 10.89 14.45
C ALA B 14 9.38 10.91 13.63
N PRO B 15 8.43 10.00 13.93
CA PRO B 15 8.47 9.00 14.98
C PRO B 15 9.02 7.66 14.51
N PHE B 16 9.61 7.63 13.31
CA PHE B 16 10.05 6.37 12.77
C PHE B 16 11.42 6.01 13.31
N VAL B 17 12.30 6.98 13.42
CA VAL B 17 13.58 6.84 14.09
C VAL B 17 13.79 8.07 14.96
N ILE B 18 14.09 7.85 16.21
CA ILE B 18 14.27 8.90 17.20
C ILE B 18 15.60 8.61 17.88
N VAL B 19 16.45 9.61 17.98
CA VAL B 19 17.85 9.44 18.39
C VAL B 19 18.05 10.15 19.71
N GLU B 20 18.77 9.51 20.62
CA GLU B 20 19.07 10.07 21.93
C GLU B 20 20.53 9.83 22.25
N ASP B 21 21.09 10.75 23.04
CA ASP B 21 22.43 10.54 23.55
C ASP B 21 22.43 9.33 24.48
N ILE B 22 23.63 8.81 24.72
CA ILE B 22 23.73 7.65 25.56
C ILE B 22 23.50 8.05 27.02
N ASP B 23 23.03 7.12 27.82
CA ASP B 23 22.79 7.39 29.24
C ASP B 23 24.11 7.67 29.94
N PRO B 24 24.31 8.85 30.54
CA PRO B 24 25.58 9.11 31.20
C PRO B 24 25.54 8.71 32.67
N THR B 26 28.01 6.00 32.43
CA THR B 26 27.09 4.88 32.27
C THR B 26 27.28 4.22 30.92
N GLU B 27 27.25 5.05 29.87
CA GLU B 27 27.37 4.64 28.48
C GLU B 27 26.64 3.34 28.18
N THR B 28 25.32 3.38 28.26
CA THR B 28 24.53 2.23 27.91
C THR B 28 23.20 2.74 27.36
N CYS B 29 22.66 2.02 26.39
CA CYS B 29 21.39 2.40 25.77
C CYS B 29 20.30 1.55 26.39
N VAL B 30 19.53 2.12 27.30
CA VAL B 30 18.54 1.34 28.01
C VAL B 30 17.22 1.48 27.28
N ARG B 31 16.27 0.59 27.61
CA ARG B 31 14.88 0.59 27.16
C ARG B 31 14.71 0.11 25.72
N ASN B 32 13.67 0.63 25.07
CA ASN B 32 13.41 0.33 23.68
C ASN B 32 14.33 1.07 22.75
N THR B 33 15.47 1.49 23.26
CA THR B 33 16.52 2.06 22.45
C THR B 33 17.56 0.99 22.18
N VAL B 34 18.19 1.09 21.02
CA VAL B 34 19.18 0.16 20.50
C VAL B 34 20.42 1.01 20.26
N PRO B 35 21.63 0.48 20.36
CA PRO B 35 22.80 1.30 20.04
C PRO B 35 22.78 1.69 18.57
N CYS B 36 23.34 2.86 18.29
CA CYS B 36 23.49 3.32 16.92
C CYS B 36 24.60 4.35 16.90
N ARG B 37 25.61 4.13 16.07
CA ARG B 37 26.74 5.06 16.02
C ARG B 37 26.56 6.08 14.90
N LYS B 38 27.21 7.22 15.06
CA LYS B 38 27.10 8.28 14.07
C LYS B 38 28.47 8.91 13.91
N PHE B 39 28.94 8.99 12.69
CA PHE B 39 30.27 9.54 12.42
C PHE B 39 30.11 11.05 12.28
N VAL B 40 30.71 11.80 13.19
CA VAL B 40 30.44 13.22 13.35
C VAL B 40 31.70 13.99 13.03
N LYS B 41 31.58 15.01 12.19
CA LYS B 41 32.76 15.58 11.56
C LYS B 41 33.50 16.50 12.51
N ILE B 42 34.77 16.75 12.22
CA ILE B 42 35.52 17.61 13.11
C ILE B 42 35.26 19.07 12.79
N ASN B 43 35.21 19.42 11.50
CA ASN B 43 34.79 20.74 10.97
C ASN B 43 34.34 20.51 9.54
N ASN B 44 33.91 21.59 8.85
CA ASN B 44 33.32 21.43 7.52
C ASN B 44 34.35 21.40 6.40
N SER B 45 35.64 21.50 6.71
CA SER B 45 36.67 21.53 5.70
C SER B 45 37.66 20.38 5.87
N THR B 46 37.24 19.31 6.51
CA THR B 46 38.05 18.09 6.58
C THR B 46 37.13 16.89 6.56
N ASN B 47 37.70 15.75 6.22
CA ASN B 47 36.96 14.49 6.25
C ASN B 47 37.06 13.78 7.58
N GLU B 48 37.84 14.29 8.52
CA GLU B 48 38.03 13.63 9.79
C GLU B 48 36.82 13.79 10.69
N GLY B 49 36.56 12.77 11.50
CA GLY B 49 35.45 12.77 12.42
C GLY B 49 35.68 11.69 13.46
N MET B 50 34.74 11.58 14.39
CA MET B 50 34.72 10.57 15.41
C MET B 50 33.40 9.81 15.33
N ASN B 51 33.41 8.53 15.65
CA ASN B 51 32.17 7.76 15.71
C ASN B 51 31.53 7.95 17.08
N VAL B 52 30.40 8.67 17.10
CA VAL B 52 29.70 9.05 18.32
C VAL B 52 28.67 7.98 18.64
N LYS B 53 28.38 7.76 19.91
CA LYS B 53 27.49 6.69 20.31
C LYS B 53 26.15 7.30 20.69
N LYS B 54 25.08 6.74 20.17
CA LYS B 54 23.78 7.27 20.44
C LYS B 54 22.85 6.12 20.67
N CYS B 55 21.59 6.43 20.91
CA CYS B 55 20.60 5.39 21.10
C CYS B 55 19.40 5.74 20.26
N CYS B 56 18.81 4.71 19.67
CA CYS B 56 17.88 4.83 18.58
C CYS B 56 16.61 4.09 18.93
N LYS B 57 15.47 4.76 18.82
CA LYS B 57 14.20 4.12 19.05
C LYS B 57 13.20 4.60 18.01
N GLY B 58 12.11 3.87 17.93
CA GLY B 58 10.97 4.33 17.18
C GLY B 58 10.29 3.22 16.45
N PHE B 59 9.28 3.58 15.66
CA PHE B 59 8.50 2.65 14.88
C PHE B 59 9.37 1.68 14.09
N CYS B 60 10.27 2.20 13.24
CA CYS B 60 11.09 1.32 12.43
C CYS B 60 12.14 0.61 13.26
N ILE B 61 12.60 1.22 14.34
CA ILE B 61 13.54 0.48 15.18
C ILE B 61 12.85 -0.74 15.79
N ASP B 62 11.60 -0.58 16.25
CA ASP B 62 10.86 -1.74 16.71
C ASP B 62 10.71 -2.78 15.60
N ILE B 63 10.42 -2.34 14.37
CA ILE B 63 10.47 -3.25 13.22
C ILE B 63 11.80 -3.98 13.18
N LEU B 64 12.90 -3.24 13.23
CA LEU B 64 14.19 -3.89 13.08
C LEU B 64 14.41 -4.94 14.16
N LYS B 65 13.91 -4.68 15.36
CA LYS B 65 14.02 -5.66 16.43
C LYS B 65 13.33 -6.95 16.06
N LYS B 66 12.06 -6.86 15.69
CA LYS B 66 11.31 -8.06 15.37
C LYS B 66 11.96 -8.84 14.25
N LEU B 67 12.50 -8.13 13.27
CA LEU B 67 13.16 -8.84 12.18
C LEU B 67 14.41 -9.54 12.65
N SER B 68 15.10 -8.94 13.61
CA SER B 68 16.33 -9.55 14.08
C SER B 68 16.04 -10.84 14.82
N ARG B 69 14.87 -10.91 15.46
CA ARG B 69 14.43 -12.09 16.18
C ARG B 69 13.81 -13.13 15.26
N THR B 70 12.96 -12.70 14.35
CA THR B 70 12.31 -13.61 13.42
C THR B 70 13.31 -14.15 12.40
N VAL B 71 14.00 -13.27 11.67
CA VAL B 71 14.96 -13.69 10.65
C VAL B 71 16.30 -14.11 11.22
N LYS B 72 16.55 -13.89 12.50
CA LYS B 72 17.77 -14.36 13.14
C LYS B 72 19.03 -13.80 12.48
N PHE B 73 19.29 -12.51 12.70
CA PHE B 73 20.58 -11.90 12.42
C PHE B 73 20.89 -10.95 13.56
N THR B 74 22.13 -10.52 13.65
CA THR B 74 22.49 -9.43 14.54
C THR B 74 22.98 -8.27 13.68
N TYR B 75 23.12 -7.09 14.29
CA TYR B 75 23.39 -5.92 13.47
C TYR B 75 24.13 -4.83 14.22
N ASP B 76 24.93 -4.08 13.46
CA ASP B 76 25.56 -2.84 13.92
C ASP B 76 24.87 -1.67 13.22
N LEU B 77 23.98 -0.98 13.91
CA LEU B 77 23.24 0.13 13.33
C LEU B 77 24.03 1.43 13.40
N TYR B 78 24.11 2.14 12.28
CA TYR B 78 24.66 3.49 12.25
C TYR B 78 23.71 4.44 11.53
N LEU B 79 23.92 5.75 11.71
CA LEU B 79 23.10 6.74 11.04
C LEU B 79 23.85 7.36 9.88
N VAL B 80 23.10 7.83 8.92
CA VAL B 80 23.69 8.33 7.68
C VAL B 80 24.09 9.78 7.86
N THR B 81 25.34 10.08 7.54
CA THR B 81 25.93 11.39 7.71
C THR B 81 25.79 12.26 6.48
N ASN B 82 25.79 11.69 5.29
CA ASN B 82 25.80 12.48 4.07
C ASN B 82 24.52 12.23 3.29
N GLY B 83 23.56 13.14 3.42
CA GLY B 83 22.29 12.99 2.74
C GLY B 83 21.20 12.52 3.68
N LYS B 84 20.01 12.37 3.12
CA LYS B 84 18.85 11.92 3.87
C LYS B 84 18.47 10.52 3.40
N HIS B 85 17.35 10.39 2.69
CA HIS B 85 16.86 9.07 2.30
C HIS B 85 17.66 8.48 1.15
N GLY B 86 18.05 9.29 0.19
CA GLY B 86 18.85 8.81 -0.90
C GLY B 86 18.48 9.53 -2.18
N LYS B 87 19.42 10.29 -2.73
CA LYS B 87 19.20 11.06 -3.94
C LYS B 87 20.39 10.82 -4.84
N LYS B 88 20.11 10.55 -6.11
CA LYS B 88 21.12 10.31 -7.13
C LYS B 88 21.63 11.66 -7.61
N VAL B 89 22.77 12.09 -7.09
CA VAL B 89 23.32 13.38 -7.47
C VAL B 89 24.50 13.16 -8.41
N ASN B 90 24.29 13.49 -9.69
CA ASN B 90 25.25 13.23 -10.78
C ASN B 90 25.56 11.76 -10.91
N ASN B 91 24.55 10.95 -10.59
CA ASN B 91 24.61 9.50 -10.62
C ASN B 91 25.40 8.91 -9.48
N VAL B 92 25.74 9.68 -8.46
CA VAL B 92 26.26 9.08 -7.25
C VAL B 92 25.28 9.31 -6.11
N TRP B 93 24.56 8.25 -5.72
CA TRP B 93 23.64 8.30 -4.60
C TRP B 93 24.35 8.70 -3.31
N ASN B 94 23.66 9.52 -2.53
CA ASN B 94 23.96 9.75 -1.15
C ASN B 94 22.91 9.00 -0.32
N GLY B 95 22.74 9.43 0.93
CA GLY B 95 21.65 9.00 1.77
C GLY B 95 21.77 7.58 2.23
N MET B 96 20.63 7.03 2.64
CA MET B 96 20.59 5.62 2.98
C MET B 96 20.73 4.76 1.74
N ILE B 97 20.10 5.16 0.62
CA ILE B 97 20.24 4.37 -0.60
C ILE B 97 21.72 4.20 -0.95
N GLY B 98 22.49 5.29 -0.95
CA GLY B 98 23.90 5.22 -1.31
C GLY B 98 24.75 4.33 -0.42
N GLU B 99 24.47 4.30 0.89
CA GLU B 99 25.19 3.38 1.77
C GLU B 99 24.96 1.93 1.36
N VAL B 100 23.83 1.66 0.74
CA VAL B 100 23.52 0.33 0.29
C VAL B 100 24.15 0.05 -1.06
N VAL B 101 23.93 0.95 -2.02
CA VAL B 101 24.36 0.63 -3.39
C VAL B 101 25.86 0.39 -3.42
N TYR B 102 26.60 1.18 -2.65
CA TYR B 102 28.04 1.09 -2.54
C TYR B 102 28.44 0.22 -1.37
N GLN B 103 27.54 -0.65 -0.94
CA GLN B 103 27.87 -1.81 -0.12
C GLN B 103 28.51 -1.46 1.21
N ARG B 104 28.16 -0.29 1.75
CA ARG B 104 28.54 0.05 3.11
C ARG B 104 27.52 -0.41 4.13
N ALA B 105 26.28 -0.60 3.72
CA ALA B 105 25.29 -1.31 4.50
C ALA B 105 24.68 -2.39 3.63
N VAL B 106 24.15 -3.42 4.27
CA VAL B 106 23.46 -4.46 3.53
C VAL B 106 21.97 -4.28 3.63
N MET B 107 21.49 -3.50 4.57
CA MET B 107 20.10 -3.09 4.47
C MET B 107 19.95 -1.73 5.11
N ALA B 108 18.95 -0.97 4.67
CA ALA B 108 18.66 0.33 5.29
C ALA B 108 17.28 0.29 5.89
N VAL B 109 17.18 0.64 7.17
CA VAL B 109 15.95 0.61 7.92
C VAL B 109 15.58 2.04 8.25
N GLY B 110 14.37 2.44 7.87
CA GLY B 110 13.99 3.81 8.14
C GLY B 110 12.67 4.11 7.46
N SER B 111 12.30 5.39 7.53
CA SER B 111 11.16 5.93 6.79
C SER B 111 11.54 6.17 5.32
N LEU B 112 11.92 5.10 4.66
CA LEU B 112 12.45 5.17 3.31
C LEU B 112 11.34 4.84 2.32
N THR B 113 11.00 5.76 1.46
CA THR B 113 9.95 5.49 0.50
C THR B 113 10.42 4.56 -0.62
N ILE B 114 9.53 3.70 -1.10
CA ILE B 114 9.82 2.83 -2.23
C ILE B 114 9.47 3.57 -3.50
N ASN B 115 10.47 3.86 -4.35
CA ASN B 115 10.18 4.40 -5.68
C ASN B 115 10.88 3.61 -6.77
N GLU B 116 10.38 3.81 -7.99
CA GLU B 116 10.94 3.19 -9.18
C GLU B 116 12.45 3.39 -9.28
N GLU B 117 12.91 4.62 -9.12
CA GLU B 117 14.32 4.90 -9.35
C GLU B 117 15.19 4.10 -8.41
N ARG B 118 14.84 4.08 -7.12
CA ARG B 118 15.62 3.33 -6.15
C ARG B 118 15.57 1.83 -6.40
N SER B 119 14.42 1.31 -6.81
CA SER B 119 14.28 -0.12 -7.01
C SER B 119 15.18 -0.64 -8.13
N GLU B 120 15.56 0.20 -9.06
CA GLU B 120 16.50 -0.24 -10.09
C GLU B 120 17.89 -0.49 -9.53
N VAL B 121 18.23 0.06 -8.38
CA VAL B 121 19.57 -0.12 -7.82
C VAL B 121 19.58 -0.83 -6.46
N VAL B 122 18.47 -0.86 -5.72
CA VAL B 122 18.35 -1.64 -4.49
C VAL B 122 17.09 -2.49 -4.62
N ASP B 123 16.97 -3.49 -3.76
CA ASP B 123 15.76 -4.28 -3.61
C ASP B 123 15.00 -3.77 -2.39
N PHE B 124 13.69 -3.63 -2.52
CA PHE B 124 12.85 -3.18 -1.42
C PHE B 124 11.99 -4.33 -0.93
N SER B 125 11.91 -4.48 0.38
CA SER B 125 11.00 -5.44 0.99
C SER B 125 9.55 -5.02 0.72
N VAL B 126 8.62 -5.90 1.08
CA VAL B 126 7.21 -5.47 0.99
C VAL B 126 7.03 -4.20 1.80
N PRO B 127 6.16 -3.29 1.41
CA PRO B 127 5.99 -2.08 2.23
C PRO B 127 5.43 -2.43 3.60
N PHE B 128 5.89 -1.73 4.63
CA PHE B 128 5.36 -1.99 5.95
C PHE B 128 4.54 -0.86 6.52
N VAL B 129 4.54 0.33 5.91
CA VAL B 129 3.51 1.33 6.19
C VAL B 129 3.17 2.05 4.90
N GLU B 130 1.88 2.25 4.69
CA GLU B 130 1.41 3.06 3.57
C GLU B 130 1.83 4.52 3.71
N THR B 131 2.37 5.09 2.62
CA THR B 131 2.56 6.52 2.49
C THR B 131 2.18 6.90 1.06
N GLY B 132 2.43 8.15 0.70
CA GLY B 132 2.13 8.64 -0.63
C GLY B 132 2.38 10.12 -0.64
N ILE B 133 1.82 10.83 -1.60
CA ILE B 133 1.85 12.28 -1.56
C ILE B 133 0.48 12.76 -1.13
N SER B 134 0.44 13.56 -0.06
CA SER B 134 -0.81 13.94 0.51
C SER B 134 -0.84 15.44 0.76
N VAL B 135 -2.00 15.91 1.22
CA VAL B 135 -2.32 17.33 1.43
C VAL B 135 -2.80 17.50 2.88
N MET B 136 -2.16 18.40 3.63
CA MET B 136 -2.64 18.84 4.93
C MET B 136 -3.20 20.26 4.85
N VAL B 137 -4.38 20.47 5.46
CA VAL B 137 -5.10 21.73 5.43
C VAL B 137 -5.65 21.97 6.82
N SER B 138 -6.01 23.23 7.11
CA SER B 138 -6.79 23.50 8.32
C SER B 138 -8.24 23.08 8.11
N ARG B 139 -8.78 22.36 9.08
CA ARG B 139 -10.14 21.82 9.00
C ARG B 139 -11.13 22.85 8.47
N GLY B 140 -11.84 22.49 7.40
CA GLY B 140 -12.79 23.37 6.75
C GLY B 140 -12.41 23.71 5.33
N THR B 141 -11.16 23.56 4.95
CA THR B 141 -10.78 23.77 3.57
C THR B 141 -11.14 22.52 2.80
N GLN B 142 -11.75 22.69 1.62
CA GLN B 142 -12.25 21.57 0.83
C GLN B 142 -11.28 21.28 -0.30
N VAL B 143 -10.65 20.12 -0.25
CA VAL B 143 -9.57 19.77 -1.18
C VAL B 143 -9.63 18.28 -1.42
N THR B 144 -9.59 17.87 -2.68
CA THR B 144 -9.62 16.45 -2.99
C THR B 144 -8.26 15.84 -2.72
N GLY B 145 -7.27 16.20 -3.52
CA GLY B 145 -5.93 15.69 -3.33
C GLY B 145 -4.96 16.47 -4.17
N LEU B 146 -3.80 15.86 -4.43
CA LEU B 146 -2.80 16.53 -5.25
C LEU B 146 -3.34 16.88 -6.63
N SER B 147 -4.07 15.96 -7.26
CA SER B 147 -4.60 16.27 -8.57
C SER B 147 -5.82 17.17 -8.52
N ASP B 148 -6.05 17.88 -7.41
CA ASP B 148 -7.16 18.82 -7.32
C ASP B 148 -6.93 19.96 -8.29
N LYS B 149 -8.00 20.35 -9.00
CA LYS B 149 -7.90 21.48 -9.92
C LYS B 149 -7.42 22.74 -9.22
N LYS B 150 -7.75 22.91 -7.95
CA LYS B 150 -7.28 24.08 -7.22
C LYS B 150 -5.77 24.07 -7.06
N PHE B 151 -5.10 22.98 -7.45
CA PHE B 151 -3.66 22.83 -7.44
C PHE B 151 -3.04 22.85 -8.82
N GLN B 152 -3.63 22.17 -9.82
CA GLN B 152 -3.08 22.12 -11.18
C GLN B 152 -3.24 23.43 -11.95
N ARG B 153 -4.30 24.19 -11.67
CA ARG B 153 -4.52 25.52 -12.26
C ARG B 153 -4.89 26.49 -11.15
N PRO B 154 -3.90 27.02 -10.43
CA PRO B 154 -4.22 27.75 -9.22
C PRO B 154 -4.91 29.07 -9.46
N HIS B 155 -4.59 29.75 -10.54
CA HIS B 155 -5.23 31.04 -10.82
C HIS B 155 -6.62 30.91 -11.42
N ASP B 156 -7.22 29.73 -11.43
CA ASP B 156 -8.61 29.57 -11.80
C ASP B 156 -9.55 29.83 -10.64
N TYR B 157 -9.02 30.18 -9.48
CA TYR B 157 -9.80 30.45 -8.29
C TYR B 157 -9.32 31.75 -7.70
N SER B 158 -10.26 32.55 -7.21
CA SER B 158 -9.93 33.84 -6.59
C SER B 158 -10.56 34.00 -5.22
N PRO B 159 -9.76 34.06 -4.15
CA PRO B 159 -8.30 34.15 -4.21
C PRO B 159 -7.60 32.85 -4.66
N PRO B 160 -6.46 32.97 -5.33
CA PRO B 160 -5.68 31.76 -5.64
C PRO B 160 -5.17 31.14 -4.37
N PHE B 161 -5.24 29.81 -4.30
CA PHE B 161 -4.78 29.07 -3.13
C PHE B 161 -3.29 29.27 -2.90
N ARG B 162 -2.90 29.28 -1.64
CA ARG B 162 -1.51 29.34 -1.24
C ARG B 162 -1.09 27.99 -0.67
N PHE B 163 -0.30 27.27 -1.43
CA PHE B 163 0.16 25.97 -0.98
C PHE B 163 1.59 25.78 -1.41
N GLY B 164 2.23 24.82 -0.79
CA GLY B 164 3.62 24.53 -1.07
C GLY B 164 4.02 23.26 -0.37
N THR B 165 5.30 22.91 -0.56
CA THR B 165 5.95 21.75 0.01
C THR B 165 7.35 22.16 0.41
N VAL B 166 8.12 21.23 0.94
CA VAL B 166 9.52 21.44 1.30
C VAL B 166 10.38 21.00 0.11
N PRO B 167 11.14 21.90 -0.51
CA PRO B 167 11.76 21.56 -1.80
C PRO B 167 12.88 20.55 -1.64
N ASN B 168 13.37 20.09 -2.79
CA ASN B 168 14.55 19.23 -2.93
C ASN B 168 14.34 17.83 -2.41
N GLY B 169 13.08 17.43 -2.22
CA GLY B 169 12.71 16.09 -1.88
C GLY B 169 12.03 15.36 -3.01
N SER B 170 11.33 14.27 -2.67
CA SER B 170 10.57 13.50 -3.65
C SER B 170 9.25 14.15 -3.99
N THR B 171 8.62 14.82 -3.03
CA THR B 171 7.39 15.54 -3.36
C THR B 171 7.66 16.60 -4.40
N GLU B 172 8.73 17.36 -4.27
CA GLU B 172 8.96 18.39 -5.26
C GLU B 172 9.23 17.79 -6.62
N ARG B 173 9.99 16.69 -6.66
CA ARG B 173 10.39 16.10 -7.93
C ARG B 173 9.18 15.48 -8.62
N ASN B 174 8.48 14.60 -7.92
CA ASN B 174 7.24 14.05 -8.44
C ASN B 174 6.34 15.13 -9.02
N ILE B 175 6.14 16.24 -8.32
CA ILE B 175 5.25 17.28 -8.84
C ILE B 175 5.85 17.93 -10.07
N ARG B 176 7.14 18.25 -10.03
CA ARG B 176 7.81 18.86 -11.17
C ARG B 176 7.56 18.09 -12.47
N ASN B 177 7.61 16.75 -12.39
CA ASN B 177 7.36 15.90 -13.56
C ASN B 177 5.87 15.84 -13.92
N ASN B 178 4.99 15.65 -12.95
CA ASN B 178 3.60 15.38 -13.29
C ASN B 178 2.79 16.64 -13.51
N TYR B 179 3.03 17.69 -12.75
CA TYR B 179 2.25 18.93 -12.88
C TYR B 179 3.23 20.06 -13.03
N PRO B 180 3.66 20.35 -14.27
CA PRO B 180 4.64 21.41 -14.47
C PRO B 180 4.16 22.77 -14.04
N TYR B 181 2.92 23.12 -14.28
CA TYR B 181 2.57 24.46 -13.88
C TYR B 181 2.24 24.55 -12.39
N MET B 182 1.79 23.45 -11.77
CA MET B 182 1.66 23.46 -10.32
C MET B 182 3.01 23.64 -9.65
N HIS B 183 4.06 23.00 -10.18
CA HIS B 183 5.39 23.17 -9.59
C HIS B 183 5.84 24.62 -9.65
N GLN B 184 5.64 25.27 -10.78
CA GLN B 184 6.13 26.63 -10.93
C GLN B 184 5.45 27.56 -9.92
N TYR B 185 4.14 27.38 -9.71
CA TYR B 185 3.38 28.33 -8.91
C TYR B 185 3.68 28.16 -7.43
N MET B 186 3.73 26.95 -6.93
CA MET B 186 3.94 26.72 -5.50
C MET B 186 5.37 26.98 -5.07
N THR B 187 6.30 27.18 -6.00
CA THR B 187 7.68 27.55 -5.65
C THR B 187 7.75 28.75 -4.70
N ARG B 188 6.99 29.80 -4.97
CA ARG B 188 7.11 30.92 -4.04
C ARG B 188 6.59 30.59 -2.66
N PHE B 189 6.05 29.39 -2.49
CA PHE B 189 5.52 28.95 -1.20
C PHE B 189 6.31 27.76 -0.65
N ASN B 190 7.57 27.61 -1.00
CA ASN B 190 8.41 26.57 -0.40
C ASN B 190 8.59 26.79 1.09
N GLN B 191 8.64 25.69 1.85
CA GLN B 191 8.79 25.67 3.29
C GLN B 191 10.15 25.14 3.71
N ARG B 192 10.57 25.55 4.90
CA ARG B 192 11.82 25.07 5.50
C ARG B 192 11.74 23.60 5.84
N GLY B 193 10.74 23.20 6.61
CA GLY B 193 10.48 21.82 6.95
C GLY B 193 9.06 21.63 7.45
N VAL B 194 8.79 20.44 7.99
CA VAL B 194 7.41 20.10 8.34
C VAL B 194 6.94 20.93 9.53
N GLU B 195 7.72 20.99 10.60
CA GLU B 195 7.26 21.78 11.75
C GLU B 195 7.14 23.24 11.33
N ASP B 196 7.96 23.61 10.36
CA ASP B 196 7.97 24.95 9.84
C ASP B 196 6.67 25.28 9.10
N ALA B 197 6.17 24.33 8.31
CA ALA B 197 5.00 24.54 7.47
C ALA B 197 3.70 24.37 8.25
N LEU B 198 3.70 23.52 9.27
CA LEU B 198 2.54 23.43 10.14
C LEU B 198 2.17 24.81 10.69
N VAL B 199 3.16 25.55 11.19
CA VAL B 199 2.82 26.82 11.81
C VAL B 199 2.28 27.78 10.78
N SER B 200 2.79 27.72 9.55
CA SER B 200 2.27 28.60 8.51
C SER B 200 0.85 28.22 8.16
N LEU B 201 0.53 26.93 8.27
CA LEU B 201 -0.86 26.54 8.15
C LEU B 201 -1.68 27.14 9.26
N LYS B 202 -1.22 27.03 10.51
CA LYS B 202 -2.07 27.35 11.65
C LYS B 202 -2.25 28.84 11.83
N THR B 203 -1.30 29.65 11.36
CA THR B 203 -1.43 31.09 11.38
C THR B 203 -1.96 31.66 10.07
N GLY B 204 -2.63 30.84 9.28
CA GLY B 204 -3.26 31.37 8.09
C GLY B 204 -2.36 31.93 7.03
N LYS B 205 -1.05 31.68 7.10
CA LYS B 205 -0.18 32.11 6.01
C LYS B 205 -0.29 31.19 4.80
N LEU B 206 -0.34 29.88 5.02
CA LEU B 206 -0.44 28.89 3.96
C LEU B 206 -1.81 28.24 3.99
N ASP B 207 -2.36 27.93 2.82
CA ASP B 207 -3.66 27.26 2.73
C ASP B 207 -3.54 25.74 2.74
N ALA B 208 -2.49 25.17 2.15
CA ALA B 208 -2.31 23.73 2.09
C ALA B 208 -0.83 23.36 2.07
N PHE B 209 -0.55 22.15 2.53
CA PHE B 209 0.81 21.59 2.64
C PHE B 209 0.83 20.21 1.99
N ILE B 210 1.68 20.01 0.99
CA ILE B 210 1.73 18.79 0.20
C ILE B 210 3.00 18.04 0.57
N TYR B 211 2.89 16.83 1.15
CA TYR B 211 4.07 16.15 1.67
C TYR B 211 3.79 14.65 1.89
N ASP B 212 4.83 13.92 2.32
CA ASP B 212 4.75 12.50 2.66
C ASP B 212 3.56 12.21 3.54
N ALA B 213 2.75 11.22 3.15
CA ALA B 213 1.43 11.06 3.76
C ALA B 213 1.49 10.48 5.17
N ALA B 214 2.39 9.53 5.42
CA ALA B 214 2.58 9.05 6.78
C ALA B 214 2.98 10.19 7.70
N VAL B 215 3.85 11.07 7.25
CA VAL B 215 4.28 12.15 8.09
C VAL B 215 3.15 13.15 8.32
N LEU B 216 2.31 13.39 7.31
CA LEU B 216 1.21 14.31 7.56
C LEU B 216 0.16 13.65 8.45
N ASN B 217 -0.06 12.35 8.31
CA ASN B 217 -1.01 11.73 9.22
C ASN B 217 -0.51 11.80 10.65
N TYR B 218 0.75 11.47 10.87
CA TYR B 218 1.30 11.51 12.22
C TYR B 218 1.22 12.90 12.85
N LYS B 219 1.58 13.93 12.10
CA LYS B 219 1.40 15.30 12.57
C LYS B 219 -0.06 15.59 12.92
N ALA B 220 -0.99 15.22 12.03
CA ALA B 220 -2.39 15.53 12.30
C ALA B 220 -2.89 14.81 13.55
N GLY B 221 -2.40 13.60 13.80
CA GLY B 221 -2.82 12.89 14.99
C GLY B 221 -2.50 13.63 16.27
N ARG B 222 -1.30 14.21 16.35
CA ARG B 222 -0.85 14.86 17.57
C ARG B 222 -0.87 16.37 17.46
N ASP B 223 -1.83 16.93 16.74
CA ASP B 223 -1.91 18.38 16.63
C ASP B 223 -2.85 18.91 17.71
N GLU B 224 -2.34 19.86 18.51
CA GLU B 224 -3.08 20.37 19.65
C GLU B 224 -4.30 21.16 19.18
N GLY B 225 -5.45 20.81 19.75
CA GLY B 225 -6.72 21.30 19.29
C GLY B 225 -7.31 20.51 18.15
N CYS B 226 -6.51 19.70 17.46
CA CYS B 226 -6.98 18.82 16.39
C CYS B 226 -7.65 19.61 15.28
N LYS B 227 -6.92 20.59 14.77
CA LYS B 227 -7.43 21.46 13.75
C LYS B 227 -6.74 21.31 12.38
N LEU B 228 -5.50 20.83 12.34
CA LEU B 228 -4.84 20.47 11.09
C LEU B 228 -5.27 19.05 10.68
N VAL B 229 -5.68 18.88 9.42
CA VAL B 229 -6.18 17.59 8.94
C VAL B 229 -5.64 17.31 7.53
N THR B 230 -5.51 16.02 7.22
CA THR B 230 -5.13 15.53 5.90
C THR B 230 -6.35 15.02 5.13
N ILE B 231 -6.18 14.84 3.84
CA ILE B 231 -7.24 14.36 2.97
C ILE B 231 -7.48 12.88 3.24
N GLY B 232 -8.61 12.33 2.76
CA GLY B 232 -8.85 10.91 2.94
C GLY B 232 -7.77 10.07 2.28
N SER B 233 -7.51 8.90 2.84
CA SER B 233 -6.49 8.03 2.27
C SER B 233 -6.76 7.70 0.80
N GLY B 234 -7.98 7.87 0.32
CA GLY B 234 -8.28 7.44 -1.05
C GLY B 234 -7.86 8.46 -2.09
N TYR B 235 -7.50 9.66 -1.67
CA TYR B 235 -7.08 10.74 -2.56
C TYR B 235 -5.58 10.97 -2.53
N ILE B 236 -4.82 9.99 -2.05
CA ILE B 236 -3.37 10.09 -1.93
C ILE B 236 -2.74 9.74 -3.27
N PHE B 237 -1.73 10.49 -3.65
CA PHE B 237 -1.16 10.37 -4.98
C PHE B 237 0.18 9.64 -4.91
N ALA B 238 0.46 8.83 -5.92
CA ALA B 238 1.64 7.94 -5.94
C ALA B 238 1.74 7.09 -4.69
N THR B 239 0.63 6.55 -4.24
CA THR B 239 0.63 5.65 -3.10
C THR B 239 1.77 4.64 -3.21
N THR B 240 2.37 4.34 -2.06
CA THR B 240 3.52 3.45 -1.97
C THR B 240 3.76 3.15 -0.50
N GLY B 241 5.00 2.97 -0.07
CA GLY B 241 5.16 2.75 1.36
C GLY B 241 6.61 2.76 1.76
N TYR B 242 6.81 2.76 3.06
CA TYR B 242 8.16 2.59 3.58
C TYR B 242 8.56 1.12 3.45
N GLY B 243 9.82 0.88 3.11
CA GLY B 243 10.31 -0.48 3.07
C GLY B 243 11.77 -0.57 3.45
N ILE B 244 12.21 -1.78 3.77
CA ILE B 244 13.63 -1.99 3.99
C ILE B 244 14.35 -2.10 2.65
N ALA B 245 15.37 -1.27 2.45
CA ALA B 245 16.26 -1.43 1.30
C ALA B 245 17.31 -2.46 1.64
N LEU B 246 17.56 -3.37 0.71
CA LEU B 246 18.65 -4.34 0.78
C LEU B 246 19.52 -4.18 -0.47
N GLN B 247 20.53 -5.02 -0.64
CA GLN B 247 21.31 -4.96 -1.86
C GLN B 247 20.58 -5.69 -2.96
N LYS B 248 20.86 -5.29 -4.21
CA LYS B 248 20.40 -6.07 -5.35
C LYS B 248 20.84 -7.52 -5.21
N GLY B 249 19.88 -8.42 -5.26
CA GLY B 249 20.18 -9.82 -5.11
C GLY B 249 20.28 -10.29 -3.69
N SER B 250 19.87 -9.49 -2.72
CA SER B 250 20.08 -9.83 -1.33
C SER B 250 19.42 -11.16 -1.03
N PRO B 251 20.12 -12.10 -0.40
CA PRO B 251 19.47 -13.33 0.03
C PRO B 251 18.56 -13.13 1.24
N TRP B 252 18.65 -11.99 1.91
CA TRP B 252 17.77 -11.76 3.04
C TRP B 252 16.38 -11.27 2.63
N LYS B 253 16.18 -10.79 1.40
CA LYS B 253 14.88 -10.22 1.07
C LYS B 253 13.74 -11.23 1.27
N ARG B 254 14.00 -12.52 1.07
CA ARG B 254 12.90 -13.48 1.15
C ARG B 254 12.41 -13.65 2.58
N GLN B 255 13.32 -13.89 3.52
CA GLN B 255 12.91 -14.05 4.91
C GLN B 255 12.39 -12.75 5.49
N ILE B 256 12.87 -11.59 5.00
CA ILE B 256 12.39 -10.29 5.48
C ILE B 256 10.98 -10.03 5.00
N ASP B 257 10.69 -10.38 3.75
CA ASP B 257 9.34 -10.19 3.22
C ASP B 257 8.34 -11.04 3.98
N LEU B 258 8.65 -12.32 4.14
CA LEU B 258 7.75 -13.21 4.85
C LEU B 258 7.53 -12.72 6.27
N ALA B 259 8.62 -12.27 6.91
CA ALA B 259 8.55 -11.78 8.27
C ALA B 259 7.69 -10.53 8.36
N LEU B 260 7.81 -9.63 7.40
CA LEU B 260 6.99 -8.42 7.44
C LEU B 260 5.52 -8.75 7.21
N LEU B 261 5.22 -9.55 6.19
CA LEU B 261 3.82 -9.90 5.95
C LEU B 261 3.23 -10.68 7.11
N GLN B 262 4.04 -11.40 7.86
CA GLN B 262 3.54 -12.05 9.05
C GLN B 262 3.17 -11.04 10.12
N PHE B 263 3.97 -10.00 10.27
CA PHE B 263 3.69 -8.98 11.27
C PHE B 263 2.47 -8.15 10.91
N VAL B 264 2.17 -7.94 9.62
CA VAL B 264 0.90 -7.29 9.34
C VAL B 264 -0.24 -8.27 9.52
N GLY B 265 0.00 -9.56 9.32
CA GLY B 265 -1.06 -10.55 9.43
C GLY B 265 -1.56 -10.84 10.82
N ASP B 266 -0.65 -11.04 11.79
CA ASP B 266 -0.98 -11.47 13.14
C ASP B 266 -1.21 -10.33 14.09
N GLY B 267 -1.26 -9.08 13.59
CA GLY B 267 -1.56 -7.92 14.38
C GLY B 267 -0.37 -7.18 14.92
N GLU B 268 0.83 -7.75 14.86
CA GLU B 268 1.96 -7.11 15.50
C GLU B 268 2.26 -5.76 14.88
N MET B 269 1.82 -5.51 13.66
CA MET B 269 2.11 -4.23 13.03
C MET B 269 1.13 -3.18 13.49
N GLU B 270 -0.15 -3.49 13.48
CA GLU B 270 -1.12 -2.54 14.00
C GLU B 270 -0.78 -2.12 15.43
N GLU B 271 -0.21 -3.02 16.22
CA GLU B 271 0.15 -2.68 17.59
C GLU B 271 1.24 -1.62 17.61
N LEU B 272 2.31 -1.84 16.84
CA LEU B 272 3.33 -0.83 16.66
C LEU B 272 2.73 0.48 16.15
N GLU B 273 1.85 0.41 15.17
CA GLU B 273 1.20 1.64 14.71
C GLU B 273 0.52 2.37 15.84
N THR B 274 -0.17 1.64 16.70
CA THR B 274 -0.91 2.30 17.75
C THR B 274 0.05 2.82 18.80
N LEU B 275 1.11 2.06 19.04
CA LEU B 275 2.18 2.44 19.95
C LEU B 275 2.88 3.72 19.51
N TRP B 276 3.28 3.83 18.25
CA TRP B 276 4.11 4.94 17.80
C TRP B 276 3.40 5.99 16.96
N LEU B 277 2.35 5.61 16.26
CA LEU B 277 1.86 6.43 15.16
C LEU B 277 0.50 7.05 15.40
N THR B 278 -0.38 6.34 16.11
CA THR B 278 -1.73 6.80 16.35
C THR B 278 -1.73 7.84 17.46
N GLY B 279 -2.36 8.99 17.21
CA GLY B 279 -2.36 10.09 18.12
C GLY B 279 -3.74 10.38 18.69
N ILE B 280 -3.90 11.60 19.18
CA ILE B 280 -5.14 11.91 19.90
C ILE B 280 -6.26 12.45 19.02
N CYS B 281 -5.97 12.88 17.80
CA CYS B 281 -7.03 13.38 16.93
C CYS B 281 -7.65 12.23 16.14
N HIS B 282 -8.98 12.17 16.16
CA HIS B 282 -9.75 11.13 15.46
C HIS B 282 -9.31 9.74 15.90
N GLY C . -8.75 -10.13 -2.50
CA GLY C . -9.23 -11.45 -2.16
C GLY C . -8.17 -12.50 -2.27
O GLY C . -8.28 -13.61 -1.77
OXT GLY C . -7.14 -12.28 -2.88
C10 5E0 D . 7.06 11.29 -1.79
C13 5E0 D . 5.82 8.96 -0.32
C14 5E0 D . 6.67 9.92 0.42
C15 5E0 D . 9.97 15.14 0.28
N01 5E0 D . 10.44 9.05 2.70
C02 5E0 D . 10.96 10.12 1.93
C03 5E0 D . 9.94 10.59 0.94
C04 5E0 D . 9.15 11.67 1.46
C05 5E0 D . 9.95 12.98 1.60
C06 5E0 D . 9.59 13.67 0.48
N07 5E0 D . 8.23 13.30 0.18
N08 5E0 D . 8.13 12.02 0.39
C09 5E0 D . 7.28 11.08 -0.32
C11 5E0 D . 6.19 10.30 -2.53
C12 5E0 D . 5.62 9.13 -1.81
O16 5E0 D . 9.48 15.78 -0.69
O17 5E0 D . 10.75 15.71 1.09
C18 5E0 D . 12.06 9.61 1.01
O19 5E0 D . 12.51 8.43 1.07
O20 5E0 D . 12.50 10.42 0.16
#